data_1JHO
#
_entry.id   1JHO
#
_cell.length_a   71.950
_cell.length_b   89.980
_cell.length_c   47.620
_cell.angle_alpha   90.00
_cell.angle_beta   90.00
_cell.angle_gamma   90.00
#
_symmetry.space_group_name_H-M   'P 21 21 2'
#
loop_
_entity.id
_entity.type
_entity.pdbx_description
1 polymer 'Nicotinate Mononucleotide:5,6-Dimethylbenzimidazole Phosphoribosyltransferase'
2 non-polymer "N1-(5'-PHOSPHO-ALPHA-RIBOSYL)-5-METHYLBENZIMIDAZOLE"
3 non-polymer 'NICOTINIC ACID'
4 water water
#
_entity_poly.entity_id   1
_entity_poly.type   'polypeptide(L)'
_entity_poly.pdbx_seq_one_letter_code
;MQTLHALLRDIPAPDAEAMARTQQHIDGLLKPPGSLGRLETLAVQLAGMPGLNGTPQVGEKAVLVMCADHGVWDEGVAVS
PKIVTAIQAANMTRGTTGVCVLAAQAGAKVHVIDVGIDAEPIPGVVNMRVARGCGNIAVGPAMSRLQAEALLLEVSRYTC
DLAQRGVTLFGVGELGMANTTPAAAMVSVFTGSDAKEVVGIGANLPPSRIDNKVDVVRRAIAINQPNPRDGIDVLSKVGG
FDLVGMTGVMLGAARCGLPVLLDGFLSYSAALAACQIAPAVRPYLIPSHFSAEKGARIALAHLSMEPYLHMAMRLGEGSG
AALAMPIVEAACAMFHNMGELAASNIVLPEGNANAT
;
_entity_poly.pdbx_strand_id   A
#
# COMPACT_ATOMS: atom_id res chain seq x y z
N LEU A 4 15.26 -13.69 4.47
CA LEU A 4 14.25 -13.24 3.51
C LEU A 4 13.53 -14.37 2.80
N HIS A 5 14.29 -15.33 2.30
CA HIS A 5 13.65 -16.44 1.66
C HIS A 5 12.81 -17.14 2.72
N ALA A 6 13.32 -17.07 3.94
CA ALA A 6 12.61 -17.64 5.07
C ALA A 6 11.31 -16.90 5.24
N LEU A 7 11.48 -15.60 5.40
CA LEU A 7 10.37 -14.72 5.56
C LEU A 7 9.28 -15.07 4.60
N LEU A 8 9.64 -15.13 3.32
CA LEU A 8 8.70 -15.43 2.27
C LEU A 8 8.08 -16.80 2.43
N ARG A 9 8.93 -17.73 2.81
CA ARG A 9 8.49 -19.11 2.97
C ARG A 9 7.39 -19.28 4.00
N ASP A 10 7.55 -18.54 5.09
CA ASP A 10 6.64 -18.63 6.21
C ASP A 10 5.34 -17.83 6.15
N ILE A 11 5.00 -17.21 5.02
CA ILE A 11 3.73 -16.47 4.99
C ILE A 11 2.59 -17.49 5.08
N PRO A 12 1.73 -17.35 6.09
CA PRO A 12 0.65 -18.32 6.26
C PRO A 12 -0.45 -18.23 5.24
N ALA A 13 -1.04 -19.39 4.97
CA ALA A 13 -2.18 -19.44 4.09
C ALA A 13 -3.38 -19.02 4.90
N PRO A 14 -4.45 -18.58 4.25
CA PRO A 14 -5.64 -18.19 4.98
C PRO A 14 -6.34 -19.40 5.55
N ASP A 15 -7.02 -19.19 6.67
CA ASP A 15 -7.73 -20.23 7.39
C ASP A 15 -9.13 -20.46 6.87
N ALA A 16 -9.23 -21.42 5.97
CA ALA A 16 -10.52 -21.75 5.41
C ALA A 16 -11.56 -22.15 6.45
N GLU A 17 -11.11 -22.76 7.54
CA GLU A 17 -12.05 -23.21 8.57
C GLU A 17 -12.76 -22.03 9.23
N ALA A 18 -11.97 -21.01 9.59
CA ALA A 18 -12.49 -19.81 10.21
C ALA A 18 -13.43 -19.12 9.23
N MET A 19 -13.03 -19.08 7.94
CA MET A 19 -13.83 -18.44 6.92
C MET A 19 -15.19 -19.11 6.76
N ALA A 20 -15.21 -20.43 6.80
CA ALA A 20 -16.47 -21.14 6.69
C ALA A 20 -17.40 -20.79 7.89
N ARG A 21 -16.82 -20.77 9.07
CA ARG A 21 -17.61 -20.43 10.23
C ARG A 21 -18.12 -18.99 10.14
N THR A 22 -17.28 -18.13 9.64
CA THR A 22 -17.72 -16.75 9.53
C THR A 22 -18.89 -16.63 8.55
N GLN A 23 -18.75 -17.29 7.41
CA GLN A 23 -19.78 -17.23 6.39
C GLN A 23 -21.15 -17.64 6.95
N GLN A 24 -21.16 -18.80 7.60
CA GLN A 24 -22.38 -19.32 8.21
C GLN A 24 -22.97 -18.33 9.20
N HIS A 25 -22.11 -17.74 10.03
CA HIS A 25 -22.59 -16.77 10.99
C HIS A 25 -23.23 -15.55 10.34
N ILE A 26 -22.57 -15.04 9.31
CA ILE A 26 -23.06 -13.90 8.58
C ILE A 26 -24.40 -14.20 7.93
N ASP A 27 -24.51 -15.40 7.39
CA ASP A 27 -25.75 -15.75 6.73
C ASP A 27 -26.92 -15.74 7.69
N GLY A 28 -26.65 -15.97 8.98
CA GLY A 28 -27.72 -16.03 9.99
C GLY A 28 -28.12 -14.68 10.60
N LEU A 29 -27.48 -13.62 10.17
CA LEU A 29 -27.78 -12.30 10.72
C LEU A 29 -29.14 -11.77 10.28
N LEU A 30 -29.66 -10.82 11.05
CA LEU A 30 -30.96 -10.17 10.84
C LEU A 30 -31.05 -9.39 9.52
N LYS A 31 -31.03 -10.09 8.39
CA LYS A 31 -31.08 -9.41 7.10
C LYS A 31 -31.20 -10.44 5.99
N PRO A 32 -31.61 -10.02 4.80
CA PRO A 32 -31.66 -10.98 3.72
C PRO A 32 -30.23 -11.43 3.43
N PRO A 33 -30.05 -12.72 3.19
CA PRO A 33 -28.72 -13.18 2.93
C PRO A 33 -28.07 -12.51 1.73
N GLY A 34 -26.81 -12.15 1.95
CA GLY A 34 -25.95 -11.49 0.96
C GLY A 34 -26.24 -10.01 0.79
N SER A 35 -27.27 -9.53 1.49
CA SER A 35 -27.71 -8.14 1.40
C SER A 35 -26.69 -7.08 1.77
N LEU A 36 -25.70 -7.43 2.58
CA LEU A 36 -24.68 -6.44 2.94
C LEU A 36 -23.45 -6.44 2.01
N GLY A 37 -23.58 -7.18 0.91
CA GLY A 37 -22.59 -7.30 -0.16
C GLY A 37 -21.13 -7.41 0.22
N ARG A 38 -20.35 -6.43 -0.21
CA ARG A 38 -18.92 -6.38 0.02
C ARG A 38 -18.49 -6.31 1.49
N LEU A 39 -19.40 -5.87 2.32
CA LEU A 39 -19.15 -5.79 3.74
C LEU A 39 -19.06 -7.20 4.29
N GLU A 40 -19.85 -8.10 3.70
CA GLU A 40 -19.86 -9.50 4.12
C GLU A 40 -18.59 -10.21 3.67
N THR A 41 -18.24 -9.94 2.41
CA THR A 41 -17.04 -10.50 1.81
C THR A 41 -15.80 -10.05 2.60
N LEU A 42 -15.77 -8.77 2.92
CA LEU A 42 -14.66 -8.23 3.67
C LEU A 42 -14.52 -8.98 5.01
N ALA A 43 -15.64 -9.09 5.76
CA ALA A 43 -15.67 -9.79 7.04
C ALA A 43 -15.12 -11.20 6.91
N VAL A 44 -15.49 -11.86 5.82
CA VAL A 44 -15.02 -13.22 5.64
C VAL A 44 -13.53 -13.25 5.40
N GLN A 45 -13.06 -12.27 4.64
CA GLN A 45 -11.65 -12.16 4.34
C GLN A 45 -10.83 -12.02 5.60
N LEU A 46 -11.26 -11.11 6.47
CA LEU A 46 -10.58 -10.86 7.74
C LEU A 46 -10.49 -12.13 8.61
N ALA A 47 -11.59 -12.86 8.67
CA ALA A 47 -11.66 -14.08 9.45
C ALA A 47 -10.63 -15.13 9.04
N GLY A 48 -10.25 -15.10 7.76
CA GLY A 48 -9.27 -16.05 7.24
C GLY A 48 -7.82 -15.71 7.62
N MET A 49 -7.57 -14.47 8.10
CA MET A 49 -6.23 -13.97 8.50
C MET A 49 -5.80 -14.45 9.89
N PRO A 50 -4.79 -15.34 9.93
CA PRO A 50 -4.31 -15.96 11.16
C PRO A 50 -3.98 -15.09 12.36
N GLY A 51 -3.48 -13.90 12.09
CA GLY A 51 -3.14 -12.96 13.17
C GLY A 51 -4.39 -12.36 13.85
N LEU A 52 -5.55 -12.64 13.27
CA LEU A 52 -6.83 -12.12 13.72
C LEU A 52 -7.57 -13.10 14.64
N ASN A 53 -7.01 -14.25 14.89
CA ASN A 53 -7.70 -15.08 15.85
C ASN A 53 -9.13 -15.57 15.49
N GLY A 54 -9.25 -15.95 14.23
CA GLY A 54 -10.43 -16.57 13.66
C GLY A 54 -11.70 -15.78 13.63
N THR A 55 -11.58 -14.47 13.72
CA THR A 55 -12.77 -13.66 13.69
C THR A 55 -12.44 -12.29 13.13
N PRO A 56 -13.43 -11.61 12.54
CA PRO A 56 -13.17 -10.27 12.05
C PRO A 56 -13.04 -9.34 13.25
N GLN A 57 -11.85 -8.81 13.49
CA GLN A 57 -11.66 -7.92 14.62
C GLN A 57 -10.59 -6.90 14.29
N VAL A 58 -10.67 -5.73 14.92
CA VAL A 58 -9.69 -4.65 14.71
C VAL A 58 -9.28 -4.14 16.08
N GLY A 59 -7.98 -4.15 16.35
CA GLY A 59 -7.47 -3.65 17.62
C GLY A 59 -6.88 -2.29 17.34
N GLU A 60 -5.56 -2.17 17.47
CA GLU A 60 -4.94 -0.89 17.14
C GLU A 60 -4.67 -0.84 15.65
N LYS A 61 -4.63 0.39 15.14
CA LYS A 61 -4.41 0.70 13.72
C LYS A 61 -3.20 1.59 13.53
N ALA A 62 -2.42 1.30 12.48
CA ALA A 62 -1.23 2.11 12.19
C ALA A 62 -1.08 2.35 10.69
N VAL A 63 -0.64 3.54 10.36
CA VAL A 63 -0.35 3.87 8.99
C VAL A 63 1.15 4.15 8.93
N LEU A 64 1.87 3.37 8.13
CA LEU A 64 3.31 3.52 7.94
C LEU A 64 3.60 4.30 6.68
N VAL A 65 4.23 5.46 6.83
CA VAL A 65 4.54 6.34 5.72
C VAL A 65 6.02 6.30 5.40
N MET A 66 6.34 5.83 4.19
CA MET A 66 7.72 5.68 3.73
C MET A 66 8.14 6.87 2.90
N CYS A 67 9.12 7.61 3.40
CA CYS A 67 9.62 8.82 2.77
C CYS A 67 10.99 8.64 2.19
N ALA A 68 11.15 9.20 1.00
CA ALA A 68 12.41 9.12 0.31
C ALA A 68 12.41 10.02 -0.89
N ASP A 69 13.62 10.42 -1.29
CA ASP A 69 13.82 11.26 -2.47
C ASP A 69 14.29 10.41 -3.65
N HIS A 70 14.09 10.94 -4.86
CA HIS A 70 14.42 10.25 -6.08
C HIS A 70 15.32 11.08 -7.01
N GLY A 71 16.35 10.44 -7.57
CA GLY A 71 17.24 11.14 -8.47
C GLY A 71 16.51 11.62 -9.73
N VAL A 72 15.49 10.87 -10.14
CA VAL A 72 14.73 11.21 -11.33
C VAL A 72 14.06 12.59 -11.28
N TRP A 73 14.03 13.18 -10.08
CA TRP A 73 13.46 14.52 -9.94
C TRP A 73 14.16 15.49 -10.89
N ASP A 74 15.45 15.24 -11.08
CA ASP A 74 16.27 16.08 -11.93
C ASP A 74 15.87 16.08 -13.40
N GLU A 75 15.00 15.13 -13.81
CA GLU A 75 14.54 15.01 -15.20
C GLU A 75 13.34 15.92 -15.53
N GLY A 76 12.96 16.76 -14.58
CA GLY A 76 11.83 17.67 -14.82
C GLY A 76 10.47 17.00 -14.78
N VAL A 77 10.36 15.89 -14.05
CA VAL A 77 9.10 15.15 -13.96
C VAL A 77 8.15 15.56 -12.82
N ALA A 78 8.61 16.47 -11.95
CA ALA A 78 7.82 16.91 -10.78
C ALA A 78 7.89 18.42 -10.53
N VAL A 79 6.74 19.03 -10.27
CA VAL A 79 6.72 20.47 -10.03
C VAL A 79 6.96 20.86 -8.58
N SER A 80 6.84 19.91 -7.67
CA SER A 80 7.09 20.24 -6.27
C SER A 80 8.59 20.34 -6.03
N PRO A 81 9.02 21.35 -5.32
CA PRO A 81 10.42 21.44 -5.03
C PRO A 81 10.88 20.21 -4.22
N LYS A 82 12.10 19.75 -4.49
CA LYS A 82 12.66 18.56 -3.84
C LYS A 82 12.56 18.60 -2.32
N ILE A 83 12.87 19.74 -1.76
CA ILE A 83 12.83 19.94 -0.33
C ILE A 83 11.48 19.66 0.29
N VAL A 84 10.42 19.67 -0.53
CA VAL A 84 9.10 19.41 0.01
C VAL A 84 9.01 18.08 0.76
N THR A 85 9.74 17.07 0.29
CA THR A 85 9.74 15.76 0.95
C THR A 85 10.16 15.88 2.40
N ALA A 86 11.29 16.58 2.62
CA ALA A 86 11.83 16.77 3.95
C ALA A 86 10.89 17.61 4.80
N ILE A 87 10.34 18.66 4.19
CA ILE A 87 9.43 19.54 4.91
C ILE A 87 8.18 18.81 5.38
N GLN A 88 7.50 18.17 4.43
CA GLN A 88 6.28 17.42 4.68
C GLN A 88 6.53 16.31 5.70
N ALA A 89 7.70 15.70 5.61
CA ALA A 89 8.00 14.65 6.55
C ALA A 89 7.99 15.19 7.99
N ALA A 90 8.60 16.37 8.17
CA ALA A 90 8.61 17.03 9.47
C ALA A 90 7.18 17.31 9.90
N ASN A 91 6.38 17.84 8.97
CA ASN A 91 4.97 18.11 9.24
C ASN A 91 4.23 16.89 9.71
N MET A 92 4.65 15.74 9.20
CA MET A 92 4.03 14.49 9.61
C MET A 92 4.16 14.33 11.10
N THR A 93 5.26 14.89 11.64
CA THR A 93 5.50 14.80 13.07
C THR A 93 4.63 15.76 13.88
N ARG A 94 4.00 16.69 13.18
CA ARG A 94 3.18 17.67 13.84
C ARG A 94 1.69 17.43 13.69
N GLY A 95 1.36 16.39 12.93
CA GLY A 95 -0.04 16.01 12.71
C GLY A 95 -0.84 17.03 11.91
N THR A 96 -0.18 17.79 11.05
CA THR A 96 -0.92 18.78 10.26
C THR A 96 -1.13 18.33 8.83
N THR A 97 -0.59 17.16 8.48
CA THR A 97 -0.76 16.67 7.11
C THR A 97 -2.09 15.96 6.90
N GLY A 98 -2.37 15.72 5.63
CA GLY A 98 -3.59 15.04 5.21
C GLY A 98 -3.73 13.67 5.87
N VAL A 99 -2.70 12.81 5.79
CA VAL A 99 -2.83 11.50 6.43
C VAL A 99 -3.03 11.63 7.92
N CYS A 100 -2.27 12.55 8.52
CA CYS A 100 -2.35 12.76 9.95
C CYS A 100 -3.76 13.07 10.42
N VAL A 101 -4.37 14.04 9.75
CA VAL A 101 -5.73 14.44 10.08
C VAL A 101 -6.73 13.29 9.87
N LEU A 102 -6.56 12.56 8.78
CA LEU A 102 -7.47 11.45 8.49
C LEU A 102 -7.25 10.26 9.42
N ALA A 103 -5.99 10.01 9.77
CA ALA A 103 -5.69 8.91 10.66
C ALA A 103 -6.27 9.16 12.04
N ALA A 104 -6.10 10.39 12.53
CA ALA A 104 -6.64 10.73 13.84
C ALA A 104 -8.14 10.54 13.84
N GLN A 105 -8.74 10.83 12.68
CA GLN A 105 -10.17 10.70 12.57
C GLN A 105 -10.58 9.23 12.75
N ALA A 106 -9.74 8.32 12.21
CA ALA A 106 -9.96 6.86 12.27
C ALA A 106 -9.38 6.20 13.52
N GLY A 107 -8.69 7.00 14.31
CA GLY A 107 -8.08 6.51 15.54
C GLY A 107 -6.84 5.65 15.28
N ALA A 108 -6.18 5.93 14.19
CA ALA A 108 -4.97 5.23 13.80
C ALA A 108 -3.73 6.07 14.15
N LYS A 109 -2.61 5.41 14.39
CA LYS A 109 -1.39 6.12 14.69
C LYS A 109 -0.51 6.15 13.45
N VAL A 110 0.08 7.29 13.16
CA VAL A 110 0.94 7.43 12.00
C VAL A 110 2.40 7.20 12.34
N HIS A 111 3.05 6.36 11.56
CA HIS A 111 4.47 6.09 11.73
C HIS A 111 5.21 6.65 10.52
N VAL A 112 6.07 7.65 10.73
CA VAL A 112 6.82 8.27 9.64
C VAL A 112 8.18 7.62 9.58
N ILE A 113 8.50 7.01 8.45
CA ILE A 113 9.77 6.33 8.29
C ILE A 113 10.61 6.92 7.18
N ASP A 114 11.82 7.29 7.53
CA ASP A 114 12.70 7.84 6.54
C ASP A 114 13.50 6.73 5.92
N VAL A 115 13.23 6.42 4.64
CA VAL A 115 14.00 5.37 4.00
C VAL A 115 15.04 5.92 3.01
N GLY A 116 15.10 7.25 2.86
CA GLY A 116 16.06 7.81 1.93
C GLY A 116 15.80 9.26 1.52
N ILE A 117 15.49 10.11 2.49
CA ILE A 117 15.24 11.53 2.20
C ILE A 117 16.57 12.21 1.95
N ASP A 118 16.67 13.09 0.95
CA ASP A 118 17.93 13.76 0.65
C ASP A 118 18.00 15.06 1.45
N ALA A 119 18.28 14.92 2.73
CA ALA A 119 18.35 16.03 3.63
C ALA A 119 18.88 15.55 4.95
N GLU A 120 19.08 16.45 5.90
CA GLU A 120 19.55 16.01 7.19
C GLU A 120 18.45 15.22 7.86
N PRO A 121 18.82 14.37 8.79
CA PRO A 121 17.84 13.57 9.51
C PRO A 121 16.85 14.42 10.25
N ILE A 122 15.60 13.98 10.30
CA ILE A 122 14.54 14.71 10.98
C ILE A 122 14.24 14.07 12.31
N PRO A 123 14.33 14.85 13.34
CA PRO A 123 14.06 14.32 14.65
C PRO A 123 12.59 13.91 14.74
N GLY A 124 12.33 12.76 15.36
CA GLY A 124 10.98 12.28 15.52
C GLY A 124 10.59 11.30 14.44
N VAL A 125 11.37 11.31 13.36
CA VAL A 125 11.14 10.40 12.24
C VAL A 125 11.94 9.13 12.38
N VAL A 126 11.29 7.98 12.18
CA VAL A 126 12.05 6.74 12.29
C VAL A 126 13.08 6.63 11.20
N ASN A 127 14.33 6.41 11.63
CA ASN A 127 15.44 6.37 10.69
C ASN A 127 15.79 4.99 10.11
N MET A 128 15.58 4.82 8.81
CA MET A 128 15.95 3.61 8.12
C MET A 128 16.56 4.00 6.77
N ARG A 129 17.19 5.17 6.75
CA ARG A 129 17.71 5.70 5.51
C ARG A 129 18.71 4.88 4.76
N VAL A 130 18.39 4.62 3.50
CA VAL A 130 19.31 3.83 2.71
C VAL A 130 20.43 4.69 2.20
N ALA A 131 20.03 5.85 1.68
CA ALA A 131 20.93 6.84 1.13
C ALA A 131 20.19 8.14 0.99
N ARG A 132 20.93 9.20 0.68
CA ARG A 132 20.34 10.50 0.47
C ARG A 132 19.68 10.55 -0.91
N GLY A 133 18.50 9.93 -1.04
CA GLY A 133 17.80 9.83 -2.31
C GLY A 133 18.33 8.65 -3.14
N CYS A 134 17.49 8.07 -4.02
CA CYS A 134 17.95 6.94 -4.83
C CYS A 134 18.54 7.43 -6.15
N GLY A 135 19.15 6.52 -6.91
CA GLY A 135 19.72 6.87 -8.19
C GLY A 135 18.60 7.26 -9.18
N ASN A 136 19.00 8.07 -10.18
CA ASN A 136 18.12 8.55 -11.23
C ASN A 136 17.89 7.41 -12.22
N ILE A 137 16.71 6.81 -12.14
CA ILE A 137 16.36 5.66 -12.97
C ILE A 137 16.44 5.94 -14.44
N ALA A 138 16.45 7.20 -14.84
CA ALA A 138 16.55 7.49 -16.27
C ALA A 138 17.91 7.09 -16.85
N VAL A 139 18.96 7.03 -16.03
CA VAL A 139 20.28 6.71 -16.55
C VAL A 139 20.89 5.47 -15.92
N GLY A 140 20.15 4.85 -15.03
CA GLY A 140 20.66 3.66 -14.36
C GLY A 140 19.67 3.22 -13.33
N PRO A 141 20.08 2.28 -12.48
CA PRO A 141 19.22 1.75 -11.45
C PRO A 141 19.06 2.69 -10.27
N ALA A 142 17.93 2.56 -9.59
CA ALA A 142 17.63 3.33 -8.39
C ALA A 142 18.56 2.92 -7.24
N MET A 143 18.88 1.62 -7.16
CA MET A 143 19.70 1.08 -6.11
C MET A 143 20.17 -0.31 -6.48
N SER A 144 20.96 -0.91 -5.59
CA SER A 144 21.45 -2.25 -5.79
C SER A 144 20.45 -3.26 -5.24
N ARG A 145 20.49 -4.47 -5.78
CA ARG A 145 19.61 -5.55 -5.35
C ARG A 145 19.76 -5.77 -3.85
N LEU A 146 21.01 -5.74 -3.39
CA LEU A 146 21.31 -5.92 -1.98
C LEU A 146 20.57 -4.90 -1.17
N GLN A 147 20.65 -3.66 -1.62
CA GLN A 147 20.00 -2.57 -0.96
C GLN A 147 18.50 -2.77 -0.87
N ALA A 148 17.91 -3.25 -1.95
CA ALA A 148 16.48 -3.48 -1.96
C ALA A 148 16.09 -4.57 -0.99
N GLU A 149 16.84 -5.65 -1.04
CA GLU A 149 16.58 -6.79 -0.18
C GLU A 149 16.66 -6.47 1.29
N ALA A 150 17.70 -5.73 1.66
CA ALA A 150 17.92 -5.36 3.04
C ALA A 150 16.78 -4.52 3.58
N LEU A 151 16.37 -3.56 2.76
CA LEU A 151 15.29 -2.69 3.17
C LEU A 151 13.98 -3.48 3.34
N LEU A 152 13.71 -4.38 2.39
CA LEU A 152 12.51 -5.24 2.49
C LEU A 152 12.50 -5.93 3.84
N LEU A 153 13.67 -6.46 4.15
CA LEU A 153 13.89 -7.17 5.39
C LEU A 153 13.63 -6.33 6.62
N GLU A 154 14.29 -5.19 6.67
CA GLU A 154 14.17 -4.27 7.79
C GLU A 154 12.75 -3.79 8.01
N VAL A 155 12.10 -3.32 6.95
CA VAL A 155 10.73 -2.83 7.05
C VAL A 155 9.77 -3.94 7.47
N SER A 156 9.99 -5.10 6.87
CA SER A 156 9.19 -6.29 7.11
C SER A 156 9.12 -6.58 8.59
N ARG A 157 10.29 -6.53 9.20
CA ARG A 157 10.44 -6.83 10.61
C ARG A 157 9.80 -5.77 11.50
N TYR A 158 10.05 -4.51 11.17
CA TYR A 158 9.46 -3.43 11.94
C TYR A 158 7.95 -3.63 12.00
N THR A 159 7.38 -3.90 10.85
CA THR A 159 5.95 -4.11 10.69
C THR A 159 5.38 -5.19 11.60
N CYS A 160 5.99 -6.38 11.54
CA CYS A 160 5.54 -7.51 12.35
C CYS A 160 5.74 -7.25 13.85
N ASP A 161 6.80 -6.50 14.17
CA ASP A 161 7.09 -6.13 15.54
C ASP A 161 5.95 -5.31 16.12
N LEU A 162 5.36 -4.41 15.30
CA LEU A 162 4.23 -3.58 15.73
C LEU A 162 3.08 -4.46 16.12
N ALA A 163 2.93 -5.56 15.38
CA ALA A 163 1.88 -6.51 15.65
C ALA A 163 1.99 -7.02 17.07
N GLN A 164 3.21 -7.20 17.51
CA GLN A 164 3.45 -7.68 18.85
C GLN A 164 2.85 -6.73 19.87
N ARG A 165 2.84 -5.45 19.53
CA ARG A 165 2.33 -4.39 20.39
C ARG A 165 0.83 -4.10 20.25
N GLY A 166 0.02 -4.99 19.66
CA GLY A 166 -1.40 -4.72 19.56
C GLY A 166 -1.94 -4.26 18.21
N VAL A 167 -1.06 -3.90 17.27
CA VAL A 167 -1.57 -3.47 15.98
C VAL A 167 -2.14 -4.64 15.19
N THR A 168 -3.37 -4.47 14.69
CA THR A 168 -4.02 -5.54 13.92
C THR A 168 -4.35 -5.14 12.48
N LEU A 169 -4.26 -3.85 12.20
CA LEU A 169 -4.58 -3.33 10.88
C LEU A 169 -3.58 -2.30 10.43
N PHE A 170 -3.02 -2.50 9.25
CA PHE A 170 -2.06 -1.55 8.77
C PHE A 170 -2.59 -0.86 7.56
N GLY A 171 -2.01 0.28 7.32
CA GLY A 171 -2.28 1.10 6.17
C GLY A 171 -0.89 1.51 5.67
N VAL A 172 -0.71 1.63 4.36
CA VAL A 172 0.58 2.02 3.82
C VAL A 172 0.49 3.39 3.14
N GLY A 173 1.59 4.13 3.17
CA GLY A 173 1.64 5.42 2.51
C GLY A 173 3.09 5.80 2.21
N GLU A 174 3.23 6.91 1.50
CA GLU A 174 4.54 7.40 1.13
C GLU A 174 4.56 8.93 1.03
N LEU A 175 5.76 9.40 0.76
CA LEU A 175 6.06 10.80 0.56
C LEU A 175 7.37 10.82 -0.24
N GLY A 176 7.38 11.55 -1.36
CA GLY A 176 8.58 11.59 -2.19
C GLY A 176 8.29 12.24 -3.53
N MET A 177 8.70 13.51 -3.65
CA MET A 177 8.50 14.25 -4.87
C MET A 177 9.09 13.47 -6.04
N ALA A 178 8.32 13.39 -7.13
CA ALA A 178 8.72 12.66 -8.35
C ALA A 178 8.41 11.15 -8.31
N ASN A 179 7.88 10.68 -7.18
CA ASN A 179 7.59 9.26 -7.01
C ASN A 179 6.57 8.62 -7.95
N THR A 180 5.73 9.44 -8.59
CA THR A 180 4.76 8.83 -9.51
C THR A 180 5.42 8.34 -10.80
N THR A 181 6.66 8.80 -10.98
CA THR A 181 7.43 8.42 -12.14
C THR A 181 7.91 6.95 -12.04
N PRO A 182 8.65 6.58 -10.97
CA PRO A 182 9.09 5.19 -10.82
C PRO A 182 7.86 4.25 -10.71
N ALA A 183 6.79 4.77 -10.09
CA ALA A 183 5.55 4.03 -9.95
C ALA A 183 4.99 3.69 -11.34
N ALA A 184 4.92 4.68 -12.22
CA ALA A 184 4.44 4.39 -13.55
C ALA A 184 5.33 3.38 -14.26
N ALA A 185 6.63 3.50 -14.01
CA ALA A 185 7.59 2.59 -14.62
C ALA A 185 7.33 1.16 -14.23
N MET A 186 7.15 0.96 -12.91
CA MET A 186 6.85 -0.37 -12.42
C MET A 186 5.57 -0.92 -13.00
N VAL A 187 4.53 -0.10 -12.99
CA VAL A 187 3.25 -0.51 -13.53
C VAL A 187 3.34 -0.97 -14.99
N SER A 188 4.04 -0.18 -15.77
CA SER A 188 4.26 -0.48 -17.16
C SER A 188 4.88 -1.86 -17.29
N VAL A 189 5.98 -2.08 -16.56
CA VAL A 189 6.72 -3.33 -16.56
C VAL A 189 5.88 -4.53 -16.11
N PHE A 190 5.29 -4.44 -14.94
CA PHE A 190 4.49 -5.52 -14.43
C PHE A 190 3.26 -5.86 -15.26
N THR A 191 2.62 -4.84 -15.85
CA THR A 191 1.39 -5.10 -16.58
C THR A 191 1.59 -5.23 -18.09
N GLY A 192 2.77 -4.87 -18.57
CA GLY A 192 3.06 -4.92 -20.00
C GLY A 192 2.32 -3.82 -20.77
N SER A 193 1.92 -2.75 -20.08
CA SER A 193 1.22 -1.65 -20.73
C SER A 193 2.21 -0.62 -21.17
N ASP A 194 1.89 0.08 -22.25
CA ASP A 194 2.76 1.12 -22.72
C ASP A 194 2.75 2.31 -21.74
N ALA A 195 3.92 2.94 -21.59
CA ALA A 195 4.10 4.08 -20.72
C ALA A 195 3.03 5.16 -20.85
N LYS A 196 2.64 5.45 -22.07
CA LYS A 196 1.65 6.50 -22.27
C LYS A 196 0.36 6.18 -21.53
N GLU A 197 0.06 4.89 -21.49
CA GLU A 197 -1.16 4.44 -20.86
C GLU A 197 -1.20 4.58 -19.36
N VAL A 198 -0.03 4.54 -18.73
CA VAL A 198 0.00 4.58 -17.29
C VAL A 198 0.67 5.76 -16.68
N VAL A 199 1.07 6.74 -17.46
CA VAL A 199 1.72 7.89 -16.87
C VAL A 199 0.71 9.00 -16.61
N GLY A 200 0.64 9.48 -15.35
CA GLY A 200 -0.32 10.53 -15.00
C GLY A 200 0.28 11.87 -14.63
N ILE A 201 -0.57 12.80 -14.17
CA ILE A 201 -0.06 14.10 -13.80
C ILE A 201 0.54 14.15 -12.40
N GLY A 202 0.51 13.05 -11.67
CA GLY A 202 1.10 13.10 -10.33
C GLY A 202 0.57 14.31 -9.56
N ALA A 203 1.48 15.04 -8.92
CA ALA A 203 1.03 16.17 -8.16
C ALA A 203 0.93 17.44 -8.99
N ASN A 204 -0.10 17.48 -9.83
CA ASN A 204 -0.33 18.65 -10.66
C ASN A 204 0.73 18.92 -11.69
N LEU A 205 1.25 17.88 -12.33
CA LEU A 205 2.20 18.17 -13.38
C LEU A 205 1.42 18.79 -14.54
N PRO A 206 1.90 19.90 -15.11
CA PRO A 206 1.23 20.54 -16.23
C PRO A 206 1.09 19.63 -17.45
N PRO A 207 -0.09 19.68 -18.04
CA PRO A 207 -0.39 18.83 -19.18
C PRO A 207 0.68 18.87 -20.27
N SER A 208 1.32 20.02 -20.43
CA SER A 208 2.36 20.14 -21.43
C SER A 208 3.58 19.27 -21.13
N ARG A 209 3.99 19.26 -19.85
CA ARG A 209 5.14 18.52 -19.36
C ARG A 209 4.98 17.00 -19.35
N ILE A 210 3.81 16.52 -19.71
CA ILE A 210 3.60 15.08 -19.72
C ILE A 210 4.52 14.28 -20.64
N ASP A 211 4.59 14.68 -21.89
CA ASP A 211 5.42 13.99 -22.86
C ASP A 211 6.80 13.67 -22.31
N ASN A 212 7.36 14.67 -21.65
CA ASN A 212 8.67 14.48 -21.06
C ASN A 212 8.67 13.33 -20.07
N LYS A 213 7.68 13.34 -19.19
CA LYS A 213 7.55 12.30 -18.18
C LYS A 213 7.42 10.92 -18.85
N VAL A 214 6.69 10.85 -19.96
CA VAL A 214 6.53 9.59 -20.67
C VAL A 214 7.88 9.13 -21.23
N ASP A 215 8.64 10.05 -21.79
CA ASP A 215 9.97 9.72 -22.33
C ASP A 215 10.90 9.14 -21.25
N VAL A 216 10.90 9.79 -20.08
CA VAL A 216 11.74 9.39 -18.94
C VAL A 216 11.46 7.95 -18.54
N VAL A 217 10.17 7.62 -18.48
CA VAL A 217 9.75 6.27 -18.13
C VAL A 217 10.29 5.23 -19.14
N ARG A 218 10.08 5.50 -20.42
CA ARG A 218 10.56 4.62 -21.48
C ARG A 218 12.06 4.43 -21.37
N ARG A 219 12.76 5.56 -21.19
CA ARG A 219 14.19 5.55 -21.06
C ARG A 219 14.65 4.69 -19.88
N ALA A 220 13.96 4.85 -18.76
CA ALA A 220 14.28 4.11 -17.56
C ALA A 220 14.20 2.61 -17.80
N ILE A 221 13.18 2.23 -18.52
CA ILE A 221 12.98 0.85 -18.85
C ILE A 221 14.01 0.31 -19.83
N ALA A 222 14.18 1.04 -20.93
CA ALA A 222 15.12 0.65 -21.96
C ALA A 222 16.48 0.46 -21.34
N ILE A 223 16.90 1.48 -20.60
CA ILE A 223 18.20 1.45 -19.99
C ILE A 223 18.41 0.34 -18.98
N ASN A 224 17.44 0.12 -18.10
CA ASN A 224 17.62 -0.88 -17.08
C ASN A 224 17.23 -2.29 -17.42
N GLN A 225 16.29 -2.46 -18.35
CA GLN A 225 15.90 -3.82 -18.70
C GLN A 225 15.49 -4.62 -17.47
N PRO A 226 14.53 -4.13 -16.74
CA PRO A 226 14.07 -4.84 -15.55
C PRO A 226 13.33 -6.11 -15.93
N ASN A 227 13.51 -7.16 -15.15
CA ASN A 227 12.84 -8.41 -15.43
C ASN A 227 11.50 -8.49 -14.68
N PRO A 228 10.41 -8.39 -15.46
CA PRO A 228 9.06 -8.40 -14.94
C PRO A 228 8.71 -9.62 -14.09
N ARG A 229 9.42 -10.70 -14.29
CA ARG A 229 9.12 -11.86 -13.53
C ARG A 229 9.84 -11.84 -12.20
N ASP A 230 10.70 -10.84 -12.03
CA ASP A 230 11.47 -10.70 -10.81
C ASP A 230 11.19 -9.35 -10.16
N GLY A 231 10.22 -9.34 -9.25
CA GLY A 231 9.78 -8.16 -8.53
C GLY A 231 10.91 -7.40 -7.84
N ILE A 232 11.86 -8.14 -7.28
CA ILE A 232 12.97 -7.49 -6.62
C ILE A 232 13.84 -6.80 -7.64
N ASP A 233 13.94 -7.41 -8.81
CA ASP A 233 14.71 -6.84 -9.89
C ASP A 233 14.07 -5.52 -10.32
N VAL A 234 12.77 -5.55 -10.51
CA VAL A 234 12.09 -4.35 -10.94
C VAL A 234 12.19 -3.20 -9.93
N LEU A 235 11.90 -3.51 -8.66
CA LEU A 235 11.96 -2.52 -7.59
C LEU A 235 13.31 -1.82 -7.55
N SER A 236 14.36 -2.64 -7.62
CA SER A 236 15.71 -2.14 -7.52
C SER A 236 16.16 -1.25 -8.68
N LYS A 237 15.71 -1.63 -9.85
CA LYS A 237 16.08 -0.94 -11.06
C LYS A 237 15.29 0.30 -11.32
N VAL A 238 13.97 0.16 -11.37
CA VAL A 238 13.16 1.32 -11.66
C VAL A 238 12.23 1.77 -10.56
N GLY A 239 12.47 1.29 -9.34
CA GLY A 239 11.63 1.68 -8.22
C GLY A 239 12.25 2.85 -7.45
N GLY A 240 12.08 2.82 -6.13
CA GLY A 240 12.61 3.84 -5.22
C GLY A 240 12.57 3.27 -3.81
N PHE A 241 13.27 3.92 -2.85
CA PHE A 241 13.30 3.45 -1.46
C PHE A 241 11.91 3.44 -0.84
N ASP A 242 11.15 4.49 -1.15
CA ASP A 242 9.79 4.58 -0.65
C ASP A 242 8.92 3.40 -1.12
N LEU A 243 9.00 3.13 -2.43
CA LEU A 243 8.25 2.03 -3.02
C LEU A 243 8.67 0.69 -2.43
N VAL A 244 9.99 0.53 -2.25
CA VAL A 244 10.47 -0.68 -1.63
C VAL A 244 9.91 -0.79 -0.20
N GLY A 245 9.95 0.31 0.56
CA GLY A 245 9.44 0.30 1.93
C GLY A 245 7.99 -0.18 2.01
N MET A 246 7.16 0.33 1.10
CA MET A 246 5.74 -0.02 1.02
C MET A 246 5.54 -1.53 0.78
N THR A 247 6.31 -2.08 -0.17
CA THR A 247 6.29 -3.50 -0.48
C THR A 247 6.66 -4.29 0.79
N GLY A 248 7.66 -3.79 1.52
CA GLY A 248 8.09 -4.39 2.76
C GLY A 248 7.00 -4.39 3.84
N VAL A 249 6.15 -3.37 3.90
CA VAL A 249 5.11 -3.39 4.89
C VAL A 249 4.13 -4.53 4.57
N MET A 250 3.88 -4.63 3.28
CA MET A 250 3.00 -5.66 2.77
C MET A 250 3.53 -7.04 3.07
N LEU A 251 4.82 -7.24 2.87
CA LEU A 251 5.38 -8.56 3.14
C LEU A 251 5.34 -8.86 4.63
N GLY A 252 5.64 -7.84 5.44
CA GLY A 252 5.64 -8.03 6.88
C GLY A 252 4.28 -8.35 7.47
N ALA A 253 3.25 -7.59 7.04
CA ALA A 253 1.92 -7.83 7.54
C ALA A 253 1.44 -9.22 7.15
N ALA A 254 1.72 -9.61 5.91
CA ALA A 254 1.31 -10.92 5.44
C ALA A 254 1.99 -12.02 6.25
N ARG A 255 3.28 -11.87 6.47
CA ARG A 255 4.00 -12.86 7.26
C ARG A 255 3.40 -12.93 8.67
N CYS A 256 3.00 -11.79 9.17
CA CYS A 256 2.38 -11.69 10.46
C CYS A 256 0.93 -12.15 10.44
N GLY A 257 0.41 -12.46 9.25
CA GLY A 257 -0.97 -12.91 9.11
C GLY A 257 -2.00 -11.81 9.37
N LEU A 258 -1.61 -10.57 9.07
CA LEU A 258 -2.49 -9.44 9.29
C LEU A 258 -2.81 -8.69 8.00
N PRO A 259 -3.94 -7.94 8.03
CA PRO A 259 -4.42 -7.18 6.88
C PRO A 259 -3.73 -5.84 6.69
N VAL A 260 -3.60 -5.48 5.43
CA VAL A 260 -3.00 -4.23 5.00
C VAL A 260 -3.92 -3.51 4.03
N LEU A 261 -4.21 -2.28 4.37
CA LEU A 261 -5.03 -1.46 3.50
C LEU A 261 -4.12 -0.75 2.52
N LEU A 262 -4.40 -0.90 1.22
CA LEU A 262 -3.64 -0.18 0.22
C LEU A 262 -4.04 1.29 0.25
N ASP A 263 -3.30 2.13 -0.45
CA ASP A 263 -3.63 3.54 -0.56
C ASP A 263 -4.03 3.85 -2.01
N GLY A 264 -3.20 4.63 -2.69
CA GLY A 264 -3.42 5.01 -4.08
C GLY A 264 -2.44 4.39 -5.08
N PHE A 265 -2.17 5.15 -6.12
CA PHE A 265 -1.33 4.74 -7.22
C PHE A 265 0.03 4.24 -6.81
N LEU A 266 0.72 4.99 -5.95
CA LEU A 266 2.03 4.56 -5.52
C LEU A 266 1.91 3.19 -4.88
N SER A 267 0.91 3.02 -4.02
CA SER A 267 0.70 1.75 -3.33
C SER A 267 0.37 0.62 -4.28
N TYR A 268 -0.38 0.90 -5.34
CA TYR A 268 -0.68 -0.16 -6.30
C TYR A 268 0.62 -0.72 -6.87
N SER A 269 1.57 0.18 -7.21
CA SER A 269 2.86 -0.21 -7.74
C SER A 269 3.54 -1.24 -6.85
N ALA A 270 3.59 -0.89 -5.56
CA ALA A 270 4.22 -1.71 -4.55
C ALA A 270 3.49 -3.02 -4.37
N ALA A 271 2.20 -2.97 -4.53
CA ALA A 271 1.40 -4.16 -4.39
C ALA A 271 1.69 -5.13 -5.53
N LEU A 272 1.85 -4.58 -6.72
CA LEU A 272 2.17 -5.43 -7.84
C LEU A 272 3.48 -6.18 -7.60
N ALA A 273 4.47 -5.44 -7.09
CA ALA A 273 5.79 -6.01 -6.78
C ALA A 273 5.70 -7.10 -5.73
N ALA A 274 4.97 -6.81 -4.66
CA ALA A 274 4.83 -7.76 -3.58
C ALA A 274 4.14 -9.06 -4.04
N CYS A 275 3.13 -8.92 -4.87
CA CYS A 275 2.43 -10.09 -5.36
C CYS A 275 3.26 -10.88 -6.33
N GLN A 276 4.20 -10.18 -6.97
CA GLN A 276 5.10 -10.85 -7.91
C GLN A 276 6.13 -11.64 -7.11
N ILE A 277 6.58 -11.02 -6.04
CA ILE A 277 7.56 -11.61 -5.17
C ILE A 277 6.99 -12.77 -4.38
N ALA A 278 5.75 -12.63 -3.94
CA ALA A 278 5.08 -13.64 -3.14
C ALA A 278 3.57 -13.53 -3.28
N PRO A 279 3.02 -14.43 -4.08
CA PRO A 279 1.61 -14.46 -4.34
C PRO A 279 0.79 -14.68 -3.10
N ALA A 280 1.40 -15.32 -2.10
CA ALA A 280 0.75 -15.57 -0.83
C ALA A 280 0.40 -14.28 -0.13
N VAL A 281 0.90 -13.19 -0.67
CA VAL A 281 0.63 -11.92 -0.05
C VAL A 281 -0.78 -11.40 -0.32
N ARG A 282 -1.27 -11.77 -1.49
CA ARG A 282 -2.54 -11.29 -2.01
C ARG A 282 -3.74 -11.26 -1.09
N PRO A 283 -3.98 -12.37 -0.44
CA PRO A 283 -5.14 -12.49 0.43
C PRO A 283 -5.16 -11.51 1.60
N TYR A 284 -4.01 -10.94 1.94
CA TYR A 284 -3.94 -10.00 3.06
C TYR A 284 -4.20 -8.56 2.65
N LEU A 285 -4.14 -8.28 1.35
CA LEU A 285 -4.35 -6.92 0.85
C LEU A 285 -5.80 -6.50 0.75
N ILE A 286 -6.05 -5.24 1.09
CA ILE A 286 -7.38 -4.69 1.03
C ILE A 286 -7.35 -3.34 0.35
N PRO A 287 -8.10 -3.18 -0.75
CA PRO A 287 -8.12 -1.91 -1.46
C PRO A 287 -8.82 -0.86 -0.61
N SER A 288 -8.51 0.40 -0.84
CA SER A 288 -9.16 1.48 -0.14
C SER A 288 -9.97 2.30 -1.14
N HIS A 289 -9.25 3.16 -1.88
CA HIS A 289 -9.93 4.02 -2.81
C HIS A 289 -9.40 3.89 -4.22
N PHE A 290 -10.12 4.50 -5.16
CA PHE A 290 -9.78 4.47 -6.56
C PHE A 290 -9.05 5.76 -6.93
N SER A 291 -7.72 5.70 -6.96
CA SER A 291 -6.90 6.86 -7.27
C SER A 291 -7.24 7.52 -8.61
N ALA A 292 -7.17 8.87 -8.62
CA ALA A 292 -7.43 9.65 -9.82
C ALA A 292 -6.26 9.65 -10.79
N GLU A 293 -5.21 8.91 -10.48
CA GLU A 293 -4.07 8.80 -11.37
C GLU A 293 -4.47 7.98 -12.60
N LYS A 294 -4.11 8.48 -13.78
CA LYS A 294 -4.39 7.84 -15.07
C LYS A 294 -4.18 6.32 -15.11
N GLY A 295 -3.04 5.84 -14.62
CA GLY A 295 -2.75 4.43 -14.68
C GLY A 295 -3.42 3.60 -13.58
N ALA A 296 -4.31 4.23 -12.80
CA ALA A 296 -4.97 3.50 -11.73
C ALA A 296 -5.78 2.27 -12.19
N ARG A 297 -6.62 2.46 -13.21
CA ARG A 297 -7.44 1.36 -13.70
C ARG A 297 -6.65 0.14 -14.13
N ILE A 298 -5.58 0.36 -14.90
CA ILE A 298 -4.76 -0.73 -15.38
C ILE A 298 -4.13 -1.48 -14.23
N ALA A 299 -3.56 -0.72 -13.32
CA ALA A 299 -2.92 -1.29 -12.15
C ALA A 299 -3.88 -2.15 -11.32
N LEU A 300 -5.07 -1.63 -11.05
CA LEU A 300 -6.06 -2.34 -10.24
C LEU A 300 -6.55 -3.63 -10.91
N ALA A 301 -6.68 -3.58 -12.24
CA ALA A 301 -7.13 -4.73 -12.99
C ALA A 301 -6.16 -5.89 -12.82
N HIS A 302 -4.90 -5.54 -12.89
CA HIS A 302 -3.86 -6.54 -12.74
C HIS A 302 -3.82 -7.11 -11.35
N LEU A 303 -4.23 -6.31 -10.37
CA LEU A 303 -4.29 -6.77 -9.00
C LEU A 303 -5.62 -7.45 -8.77
N SER A 304 -6.53 -7.37 -9.74
CA SER A 304 -7.88 -7.93 -9.58
C SER A 304 -8.58 -7.32 -8.37
N MET A 305 -8.47 -6.00 -8.22
CA MET A 305 -9.10 -5.34 -7.08
C MET A 305 -10.09 -4.26 -7.48
N GLU A 306 -11.15 -4.15 -6.69
CA GLU A 306 -12.19 -3.15 -6.89
C GLU A 306 -12.27 -2.32 -5.60
N PRO A 307 -11.69 -1.13 -5.60
CA PRO A 307 -11.71 -0.34 -4.38
C PRO A 307 -13.13 0.00 -3.91
N TYR A 308 -13.27 0.27 -2.63
CA TYR A 308 -14.56 0.63 -2.08
C TYR A 308 -14.95 2.09 -2.26
N LEU A 309 -13.95 2.97 -2.20
CA LEU A 309 -14.11 4.41 -2.24
C LEU A 309 -13.79 5.05 -3.58
N HIS A 310 -14.71 5.89 -4.07
CA HIS A 310 -14.51 6.63 -5.30
C HIS A 310 -14.51 8.09 -4.92
N MET A 311 -13.33 8.65 -4.59
CA MET A 311 -13.25 10.01 -4.12
C MET A 311 -12.43 10.93 -4.98
N ALA A 312 -11.93 10.39 -6.09
CA ALA A 312 -11.06 11.12 -7.03
C ALA A 312 -9.87 11.68 -6.28
N MET A 313 -9.40 10.90 -5.29
CA MET A 313 -8.27 11.34 -4.50
C MET A 313 -6.94 11.03 -5.19
N ARG A 314 -5.97 11.92 -4.94
CA ARG A 314 -4.65 11.77 -5.54
C ARG A 314 -3.62 12.51 -4.70
N LEU A 315 -3.71 12.35 -3.39
CA LEU A 315 -2.76 12.98 -2.50
C LEU A 315 -1.63 12.05 -2.10
N GLY A 316 -1.95 10.76 -1.88
CA GLY A 316 -0.98 9.81 -1.39
C GLY A 316 -0.89 9.97 0.14
N GLU A 317 0.30 9.64 0.69
CA GLU A 317 0.63 9.71 2.13
C GLU A 317 -0.08 8.61 2.96
N GLY A 318 -0.94 7.84 2.31
CA GLY A 318 -1.69 6.85 3.05
C GLY A 318 -3.05 7.45 3.43
N SER A 319 -3.40 8.60 2.85
CA SER A 319 -4.68 9.26 3.15
C SER A 319 -5.93 8.41 2.84
N GLY A 320 -5.93 7.72 1.67
CA GLY A 320 -7.04 6.86 1.27
C GLY A 320 -7.15 5.65 2.22
N ALA A 321 -5.99 5.13 2.63
CA ALA A 321 -5.94 4.01 3.55
C ALA A 321 -6.63 4.37 4.89
N ALA A 322 -6.34 5.57 5.40
CA ALA A 322 -6.92 6.01 6.65
C ALA A 322 -8.42 6.16 6.52
N LEU A 323 -8.81 6.69 5.38
CA LEU A 323 -10.18 6.94 5.05
C LEU A 323 -11.00 5.64 5.04
N ALA A 324 -10.39 4.53 4.63
CA ALA A 324 -11.09 3.24 4.58
C ALA A 324 -11.12 2.46 5.89
N MET A 325 -10.33 2.87 6.85
CA MET A 325 -10.32 2.13 8.10
C MET A 325 -11.69 1.94 8.76
N PRO A 326 -12.54 2.96 8.74
CA PRO A 326 -13.85 2.81 9.36
C PRO A 326 -14.69 1.77 8.65
N ILE A 327 -14.41 1.53 7.39
CA ILE A 327 -15.15 0.52 6.66
C ILE A 327 -14.80 -0.85 7.20
N VAL A 328 -13.52 -1.05 7.44
CA VAL A 328 -13.10 -2.32 8.00
C VAL A 328 -13.74 -2.55 9.37
N GLU A 329 -13.73 -1.50 10.20
CA GLU A 329 -14.34 -1.63 11.50
C GLU A 329 -15.82 -1.87 11.38
N ALA A 330 -16.44 -1.32 10.35
CA ALA A 330 -17.86 -1.52 10.16
C ALA A 330 -18.20 -2.97 9.87
N ALA A 331 -17.33 -3.65 9.13
CA ALA A 331 -17.57 -5.03 8.80
C ALA A 331 -17.49 -5.88 10.08
N CYS A 332 -16.61 -5.48 11.00
CA CYS A 332 -16.48 -6.22 12.24
C CYS A 332 -17.71 -6.05 13.12
N ALA A 333 -18.16 -4.80 13.17
CA ALA A 333 -19.33 -4.42 13.95
C ALA A 333 -20.56 -5.18 13.47
N MET A 334 -20.67 -5.28 12.15
CA MET A 334 -21.77 -5.99 11.57
C MET A 334 -21.74 -7.41 12.09
N PHE A 335 -20.56 -8.03 11.93
CA PHE A 335 -20.30 -9.41 12.31
C PHE A 335 -20.62 -9.68 13.77
N HIS A 336 -20.16 -8.80 14.63
CA HIS A 336 -20.34 -9.04 16.04
C HIS A 336 -21.56 -8.46 16.69
N ASN A 337 -22.09 -7.37 16.15
CA ASN A 337 -23.20 -6.82 16.86
C ASN A 337 -24.59 -7.01 16.31
N MET A 338 -24.74 -7.50 15.10
CA MET A 338 -26.11 -7.67 14.64
C MET A 338 -26.78 -8.85 15.28
N GLY A 339 -28.12 -8.78 15.35
CA GLY A 339 -28.93 -9.90 15.87
C GLY A 339 -29.10 -11.00 14.80
N GLU A 340 -29.74 -12.10 15.17
CA GLU A 340 -29.97 -13.26 14.30
C GLU A 340 -31.41 -13.52 13.95
N LEU A 341 -31.61 -13.88 12.68
CA LEU A 341 -32.90 -14.18 12.13
C LEU A 341 -33.71 -15.12 13.03
N ALA A 342 -33.06 -16.23 13.37
CA ALA A 342 -33.70 -17.26 14.17
C ALA A 342 -34.32 -16.75 15.44
N ALA A 343 -33.58 -15.87 16.09
CA ALA A 343 -34.01 -15.32 17.34
C ALA A 343 -35.28 -14.49 17.24
N SER A 344 -35.55 -13.94 16.06
CA SER A 344 -36.77 -13.15 15.88
C SER A 344 -37.88 -14.00 15.29
N ASN A 345 -37.54 -15.27 15.05
CA ASN A 345 -38.49 -16.18 14.48
C ASN A 345 -38.70 -15.84 13.02
N ILE A 346 -37.72 -15.14 12.46
CA ILE A 346 -37.81 -14.78 11.07
C ILE A 346 -37.28 -15.89 10.18
N VAL A 347 -38.14 -16.32 9.26
CA VAL A 347 -37.78 -17.37 8.33
C VAL A 347 -37.88 -16.91 6.89
N LEU A 348 -36.74 -16.91 6.20
CA LEU A 348 -36.69 -16.53 4.81
C LEU A 348 -36.35 -17.74 3.98
N PRO A 349 -36.57 -17.63 2.69
CA PRO A 349 -36.31 -18.71 1.75
C PRO A 349 -34.92 -18.58 1.15
#